data_1NH8
#
_entry.id   1NH8
#
_cell.length_a   113.754
_cell.length_b   113.754
_cell.length_c   124.254
_cell.angle_alpha   90.00
_cell.angle_beta   90.00
_cell.angle_gamma   120.00
#
_symmetry.space_group_name_H-M   'H 3 2'
#
loop_
_entity.id
_entity.type
_entity.pdbx_description
1 polymer 'ATP Phosphoribosyltransferase'
2 non-polymer 'SULFATE ION'
3 non-polymer 'ADENOSINE MONOPHOSPHATE'
4 non-polymer HISTIDINE
5 water water
#
_entity_poly.entity_id   1
_entity_poly.type   'polypeptide(L)'
_entity_poly.pdbx_seq_one_letter_code
;HSGRPVLGSSHHHHHHSSGMMLRVAVPNKGALSEPATEILAEAGYRRRTDSKDLTVIDPVNNVEFFFLRPKDIAIYVGSG
ELDFGITGRDLVCDSGAQVRERLALGFGSSSFRYAAPAGRNWTTADLAGMRIATAYPNLVRKDLATKGIEATVIRLDGAV
EISVQLGVADAIADVVGSGRTLSQHDLVAFGEPLCDSEAVLIERAGTDGQDQTEARDQLVARVQGVVFGQQYLMLDYDCP
RSALKKATAITPGLESPTIAPLADPDWVAIRALVPRRDVNGIMDELAAIGAKAILASDIRFCRF
;
_entity_poly.pdbx_strand_id   A
#
loop_
_chem_comp.id
_chem_comp.type
_chem_comp.name
_chem_comp.formula
AMP non-polymer 'ADENOSINE MONOPHOSPHATE' 'C10 H14 N5 O7 P'
SO4 non-polymer 'SULFATE ION' 'O4 S -2'
#
# COMPACT_ATOMS: atom_id res chain seq x y z
N MET A 21 -25.85 -1.61 -6.69
CA MET A 21 -25.44 -1.93 -5.29
C MET A 21 -24.08 -2.66 -5.24
N LEU A 22 -23.07 -2.06 -4.61
CA LEU A 22 -21.76 -2.72 -4.51
C LEU A 22 -21.52 -3.19 -3.10
N ARG A 23 -20.76 -4.27 -2.99
CA ARG A 23 -20.40 -4.82 -1.70
C ARG A 23 -18.87 -4.83 -1.64
N VAL A 24 -18.31 -4.20 -0.62
CA VAL A 24 -16.84 -4.06 -0.48
C VAL A 24 -16.32 -4.56 0.85
N ALA A 25 -15.28 -5.38 0.82
CA ALA A 25 -14.72 -5.96 2.05
C ALA A 25 -13.52 -5.15 2.52
N VAL A 26 -13.45 -4.88 3.83
CA VAL A 26 -12.41 -4.02 4.41
C VAL A 26 -11.85 -4.73 5.64
N PRO A 27 -10.56 -4.74 5.84
CA PRO A 27 -9.99 -5.43 7.01
C PRO A 27 -10.54 -4.84 8.31
N ASN A 28 -11.03 -5.69 9.20
CA ASN A 28 -11.64 -5.23 10.43
C ASN A 28 -10.62 -4.83 11.48
N LYS A 29 -9.43 -5.41 11.38
CA LYS A 29 -8.38 -5.14 12.35
C LYS A 29 -7.02 -5.33 11.70
N GLY A 30 -5.94 -5.11 12.45
CA GLY A 30 -4.62 -5.25 11.87
C GLY A 30 -4.13 -4.00 11.18
N ALA A 31 -2.89 -4.04 10.73
CA ALA A 31 -2.23 -2.85 10.22
C ALA A 31 -2.81 -2.25 8.94
N LEU A 32 -3.63 -3.01 8.21
CA LEU A 32 -4.22 -2.49 6.99
C LEU A 32 -5.56 -1.83 7.23
N SER A 33 -6.15 -2.08 8.38
CA SER A 33 -7.52 -1.61 8.62
C SER A 33 -7.72 -0.08 8.63
N GLU A 34 -6.94 0.62 9.44
CA GLU A 34 -7.12 2.07 9.48
C GLU A 34 -6.85 2.74 8.12
N PRO A 35 -5.71 2.46 7.49
CA PRO A 35 -5.41 3.09 6.22
C PRO A 35 -6.44 2.75 5.15
N ALA A 36 -6.98 1.54 5.16
CA ALA A 36 -8.02 1.15 4.23
C ALA A 36 -9.27 1.98 4.49
N THR A 37 -9.65 2.15 5.75
CA THR A 37 -10.83 2.94 6.07
C THR A 37 -10.60 4.40 5.61
N GLU A 38 -9.39 4.89 5.84
CA GLU A 38 -9.09 6.27 5.47
C GLU A 38 -9.16 6.49 3.96
N ILE A 39 -8.59 5.57 3.20
CA ILE A 39 -8.61 5.76 1.76
C ILE A 39 -10.03 5.77 1.19
N LEU A 40 -10.89 4.91 1.73
CA LEU A 40 -12.28 4.90 1.33
C LEU A 40 -12.99 6.19 1.76
N ALA A 41 -12.68 6.69 2.95
CA ALA A 41 -13.31 7.92 3.39
C ALA A 41 -12.86 9.07 2.49
N GLU A 42 -11.58 9.06 2.14
CA GLU A 42 -11.01 10.09 1.29
C GLU A 42 -11.68 10.09 -0.07
N ALA A 43 -12.07 8.90 -0.53
CA ALA A 43 -12.73 8.75 -1.83
C ALA A 43 -14.21 9.10 -1.73
N GLY A 44 -14.66 9.51 -0.56
CA GLY A 44 -16.04 9.92 -0.42
C GLY A 44 -17.06 8.91 0.10
N TYR A 45 -16.58 7.76 0.56
CA TYR A 45 -17.49 6.74 1.08
C TYR A 45 -17.74 6.93 2.56
N ARG A 46 -18.88 6.45 3.05
CA ARG A 46 -19.26 6.64 4.44
C ARG A 46 -18.35 5.85 5.34
N ARG A 47 -17.93 6.50 6.42
CA ARG A 47 -17.01 5.91 7.37
C ARG A 47 -17.73 5.05 8.37
N ARG A 48 -16.98 4.10 8.92
CA ARG A 48 -17.40 3.30 10.06
C ARG A 48 -17.06 4.24 11.20
N THR A 49 -18.08 4.67 11.93
CA THR A 49 -17.92 5.60 13.05
C THR A 49 -18.04 4.85 14.37
N ASP A 50 -18.93 3.87 14.40
CA ASP A 50 -18.99 2.97 15.52
C ASP A 50 -18.19 1.78 15.04
N SER A 51 -17.03 1.59 15.65
CA SER A 51 -16.08 0.59 15.21
C SER A 51 -16.47 -0.85 15.51
N LYS A 52 -17.42 -1.05 16.42
CA LYS A 52 -17.80 -2.41 16.76
C LYS A 52 -18.82 -2.96 15.78
N ASP A 53 -19.18 -2.18 14.78
CA ASP A 53 -20.19 -2.65 13.84
C ASP A 53 -19.62 -3.15 12.53
N LEU A 54 -19.83 -4.43 12.28
CA LEU A 54 -19.19 -5.12 11.18
C LEU A 54 -19.68 -4.75 9.79
N THR A 55 -20.68 -3.88 9.71
CA THR A 55 -21.25 -3.48 8.43
C THR A 55 -21.44 -1.97 8.39
N VAL A 56 -21.36 -1.41 7.20
CA VAL A 56 -21.60 0.00 7.04
C VAL A 56 -22.37 0.16 5.76
N ILE A 57 -23.61 0.62 5.89
CA ILE A 57 -24.42 0.88 4.73
C ILE A 57 -24.27 2.33 4.29
N ASP A 58 -23.92 2.51 3.02
CA ASP A 58 -23.69 3.81 2.45
C ASP A 58 -24.75 4.05 1.37
N PRO A 59 -25.89 4.54 1.83
CA PRO A 59 -27.06 4.80 0.97
C PRO A 59 -26.74 5.79 -0.14
N VAL A 60 -25.91 6.76 0.21
CA VAL A 60 -25.58 7.82 -0.70
C VAL A 60 -24.86 7.29 -1.91
N ASN A 61 -23.91 6.41 -1.66
CA ASN A 61 -23.12 5.85 -2.74
C ASN A 61 -23.59 4.47 -3.21
N ASN A 62 -24.59 3.93 -2.51
CA ASN A 62 -25.16 2.59 -2.72
C ASN A 62 -24.06 1.55 -2.62
N VAL A 63 -23.34 1.60 -1.52
CA VAL A 63 -22.29 0.63 -1.23
C VAL A 63 -22.46 0.10 0.18
N GLU A 64 -22.25 -1.20 0.33
CA GLU A 64 -22.27 -1.77 1.65
C GLU A 64 -20.87 -2.22 1.93
N PHE A 65 -20.34 -1.80 3.08
CA PHE A 65 -19.02 -2.20 3.53
C PHE A 65 -19.11 -3.23 4.63
N PHE A 66 -18.37 -4.32 4.43
CA PHE A 66 -18.33 -5.42 5.39
C PHE A 66 -16.91 -5.44 5.97
N PHE A 67 -16.80 -5.45 7.28
CA PHE A 67 -15.52 -5.40 7.94
C PHE A 67 -15.21 -6.82 8.38
N LEU A 68 -14.29 -7.43 7.63
CA LEU A 68 -13.99 -8.85 7.75
C LEU A 68 -12.57 -9.18 8.24
N ARG A 69 -12.38 -10.44 8.63
CA ARG A 69 -11.06 -10.92 9.00
C ARG A 69 -10.10 -10.66 7.88
N PRO A 70 -9.01 -10.01 8.23
CA PRO A 70 -8.02 -9.65 7.25
C PRO A 70 -7.60 -10.82 6.37
N LYS A 71 -7.32 -11.98 6.97
CA LYS A 71 -6.89 -13.15 6.19
C LYS A 71 -7.93 -13.61 5.19
N ASP A 72 -9.20 -13.33 5.44
CA ASP A 72 -10.24 -13.92 4.62
C ASP A 72 -10.72 -13.07 3.46
N ILE A 73 -10.30 -11.80 3.44
CA ILE A 73 -10.86 -10.93 2.43
C ILE A 73 -10.78 -11.44 1.01
N ALA A 74 -9.60 -11.93 0.62
CA ALA A 74 -9.48 -12.43 -0.75
C ALA A 74 -10.45 -13.58 -1.11
N ILE A 75 -10.76 -14.48 -0.18
CA ILE A 75 -11.72 -15.54 -0.46
C ILE A 75 -13.13 -14.99 -0.62
N TYR A 76 -13.45 -13.97 0.18
CA TYR A 76 -14.78 -13.42 0.09
C TYR A 76 -14.99 -12.76 -1.28
N VAL A 77 -13.95 -12.12 -1.81
CA VAL A 77 -14.03 -11.45 -3.13
C VAL A 77 -13.98 -12.51 -4.24
N GLY A 78 -13.14 -13.51 -4.07
CA GLY A 78 -12.96 -14.47 -5.14
C GLY A 78 -14.05 -15.51 -5.23
N SER A 79 -14.67 -15.83 -4.11
CA SER A 79 -15.67 -16.87 -4.14
C SER A 79 -17.04 -16.48 -3.57
N GLY A 80 -17.14 -15.28 -3.04
CA GLY A 80 -18.36 -14.75 -2.48
C GLY A 80 -18.98 -13.64 -3.32
N GLU A 81 -19.95 -12.95 -2.73
CA GLU A 81 -20.71 -11.96 -3.45
C GLU A 81 -20.06 -10.57 -3.40
N LEU A 82 -18.83 -10.49 -2.88
CA LEU A 82 -18.20 -9.19 -2.70
C LEU A 82 -17.62 -8.71 -4.02
N ASP A 83 -17.88 -7.45 -4.36
CA ASP A 83 -17.36 -6.90 -5.60
C ASP A 83 -15.89 -6.53 -5.50
N PHE A 84 -15.47 -6.02 -4.34
CA PHE A 84 -14.11 -5.57 -4.13
C PHE A 84 -13.71 -5.89 -2.72
N GLY A 85 -12.40 -5.79 -2.49
CA GLY A 85 -11.83 -5.93 -1.17
C GLY A 85 -10.50 -5.17 -1.16
N ILE A 86 -10.14 -4.71 0.02
CA ILE A 86 -8.82 -4.16 0.28
C ILE A 86 -8.10 -5.16 1.17
N THR A 87 -6.92 -5.61 0.76
CA THR A 87 -6.19 -6.56 1.58
C THR A 87 -4.74 -6.51 1.12
N GLY A 88 -3.93 -7.44 1.57
CA GLY A 88 -2.51 -7.42 1.22
C GLY A 88 -2.22 -8.37 0.06
N ARG A 89 -1.29 -8.00 -0.81
CA ARG A 89 -0.94 -8.88 -1.94
C ARG A 89 -0.48 -10.26 -1.48
N ASP A 90 0.33 -10.32 -0.42
CA ASP A 90 0.71 -11.61 0.12
C ASP A 90 -0.48 -12.47 0.53
N LEU A 91 -1.48 -11.87 1.16
CA LEU A 91 -2.67 -12.61 1.56
C LEU A 91 -3.47 -13.09 0.35
N VAL A 92 -3.51 -12.27 -0.70
CA VAL A 92 -4.18 -12.72 -1.92
C VAL A 92 -3.47 -13.95 -2.47
N CYS A 93 -2.15 -13.86 -2.57
CA CYS A 93 -1.36 -14.98 -3.03
C CYS A 93 -1.62 -16.23 -2.20
N ASP A 94 -1.59 -16.10 -0.88
CA ASP A 94 -1.78 -17.29 -0.03
C ASP A 94 -3.21 -17.85 -0.12
N SER A 95 -4.17 -16.99 -0.46
CA SER A 95 -5.57 -17.45 -0.43
C SER A 95 -5.91 -18.37 -1.57
N GLY A 96 -5.14 -18.26 -2.66
CA GLY A 96 -5.47 -19.00 -3.88
C GLY A 96 -6.67 -18.44 -4.66
N ALA A 97 -7.20 -17.32 -4.17
CA ALA A 97 -8.35 -16.72 -4.82
C ALA A 97 -7.98 -16.15 -6.20
N GLN A 98 -8.90 -16.34 -7.13
CA GLN A 98 -8.76 -15.76 -8.45
C GLN A 98 -9.49 -14.41 -8.44
N VAL A 99 -8.73 -13.34 -8.29
CA VAL A 99 -9.31 -12.01 -8.23
C VAL A 99 -8.44 -11.07 -9.07
N ARG A 100 -8.96 -9.93 -9.48
CA ARG A 100 -8.15 -9.00 -10.26
C ARG A 100 -7.54 -7.99 -9.31
N GLU A 101 -6.23 -7.79 -9.39
CA GLU A 101 -5.61 -6.77 -8.57
C GLU A 101 -5.72 -5.47 -9.35
N ARG A 102 -6.55 -4.52 -8.90
CA ARG A 102 -6.73 -3.29 -9.68
C ARG A 102 -5.75 -2.20 -9.36
N LEU A 103 -5.50 -1.98 -8.06
CA LEU A 103 -4.61 -0.91 -7.63
C LEU A 103 -3.77 -1.28 -6.42
N ALA A 104 -2.53 -0.78 -6.42
CA ALA A 104 -1.68 -0.87 -5.23
C ALA A 104 -1.96 0.46 -4.50
N LEU A 105 -2.23 0.37 -3.21
CA LEU A 105 -2.77 1.52 -2.51
C LEU A 105 -1.79 2.45 -1.78
N GLY A 106 -0.50 2.16 -1.83
CA GLY A 106 0.45 3.07 -1.20
C GLY A 106 0.70 2.89 0.29
N PHE A 107 0.17 1.82 0.85
CA PHE A 107 0.47 1.48 2.23
C PHE A 107 0.58 -0.04 2.36
N GLY A 108 1.08 -0.50 3.49
CA GLY A 108 1.17 -1.94 3.75
C GLY A 108 2.31 -2.64 3.01
N SER A 109 3.30 -1.87 2.57
CA SER A 109 4.44 -2.49 1.88
C SER A 109 5.26 -3.35 2.81
N SER A 110 5.66 -4.52 2.32
CA SER A 110 6.52 -5.41 3.09
C SER A 110 7.15 -6.40 2.13
N SER A 111 8.12 -7.17 2.60
CA SER A 111 8.68 -8.25 1.79
C SER A 111 8.56 -9.52 2.55
N PHE A 112 8.25 -10.59 1.86
CA PHE A 112 8.10 -11.90 2.51
C PHE A 112 9.44 -12.66 2.36
N ARG A 113 10.03 -13.15 3.45
CA ARG A 113 11.36 -13.76 3.36
C ARG A 113 11.44 -15.09 4.09
N TYR A 114 12.36 -15.96 3.65
CA TYR A 114 12.72 -17.14 4.43
C TYR A 114 13.72 -16.65 5.49
N ALA A 115 13.71 -17.28 6.66
CA ALA A 115 14.69 -16.90 7.68
C ALA A 115 15.06 -18.11 8.50
N ALA A 116 16.29 -18.11 9.03
CA ALA A 116 16.76 -19.21 9.87
C ALA A 116 17.80 -18.68 10.83
N PRO A 117 18.26 -19.53 11.76
CA PRO A 117 19.15 -19.04 12.82
C PRO A 117 20.31 -18.22 12.31
N ALA A 118 20.50 -17.08 12.95
CA ALA A 118 21.53 -16.16 12.53
C ALA A 118 22.93 -16.75 12.71
N GLY A 119 23.87 -16.22 11.92
CA GLY A 119 25.27 -16.60 12.02
C GLY A 119 25.71 -17.72 11.08
N ARG A 120 24.77 -18.23 10.31
CA ARG A 120 25.06 -19.32 9.40
C ARG A 120 24.77 -18.87 7.99
N ASN A 121 25.47 -19.48 7.05
CA ASN A 121 25.35 -19.17 5.64
C ASN A 121 24.15 -19.88 5.01
N TRP A 122 22.94 -19.57 5.45
CA TRP A 122 21.77 -20.20 4.84
C TRP A 122 21.56 -19.68 3.45
N THR A 123 21.29 -20.58 2.52
CA THR A 123 20.93 -20.21 1.15
C THR A 123 19.73 -21.08 0.78
N THR A 124 19.05 -20.76 -0.33
CA THR A 124 17.83 -21.47 -0.72
C THR A 124 17.98 -22.99 -0.75
N ALA A 125 19.13 -23.45 -1.21
CA ALA A 125 19.36 -24.90 -1.33
C ALA A 125 19.19 -25.61 0.01
N ASP A 126 19.49 -24.91 1.09
CA ASP A 126 19.39 -25.50 2.41
C ASP A 126 17.95 -25.84 2.76
N LEU A 127 16.99 -25.25 2.06
CA LEU A 127 15.59 -25.48 2.41
C LEU A 127 15.11 -26.87 2.11
N ALA A 128 15.85 -27.57 1.27
CA ALA A 128 15.41 -28.89 0.86
C ALA A 128 15.22 -29.83 2.07
N GLY A 129 14.01 -30.38 2.23
CA GLY A 129 13.75 -31.32 3.32
C GLY A 129 13.60 -30.68 4.71
N MET A 130 13.59 -29.35 4.74
CA MET A 130 13.46 -28.64 6.01
C MET A 130 12.01 -28.59 6.42
N ARG A 131 11.77 -28.38 7.70
CA ARG A 131 10.42 -28.03 8.14
C ARG A 131 10.42 -26.50 8.19
N ILE A 132 9.51 -25.89 7.42
CA ILE A 132 9.46 -24.43 7.32
C ILE A 132 8.13 -23.97 7.87
N ALA A 133 8.17 -23.23 8.97
CA ALA A 133 6.94 -22.77 9.58
C ALA A 133 6.53 -21.43 8.98
N THR A 134 5.22 -21.23 8.82
CA THR A 134 4.71 -19.99 8.20
C THR A 134 3.20 -19.89 8.38
N ALA A 135 2.69 -18.66 8.39
CA ALA A 135 1.25 -18.48 8.42
C ALA A 135 0.67 -18.34 6.98
N TYR A 136 1.54 -18.43 5.97
CA TYR A 136 1.15 -18.32 4.57
C TYR A 136 1.66 -19.57 3.83
N PRO A 137 1.17 -20.75 4.19
CA PRO A 137 1.75 -21.98 3.63
C PRO A 137 1.53 -22.17 2.13
N ASN A 138 0.45 -21.63 1.58
CA ASN A 138 0.21 -21.78 0.15
C ASN A 138 1.20 -20.96 -0.62
N LEU A 139 1.37 -19.72 -0.17
CA LEU A 139 2.38 -18.84 -0.73
C LEU A 139 3.76 -19.54 -0.69
N VAL A 140 4.10 -20.12 0.46
CA VAL A 140 5.41 -20.79 0.59
C VAL A 140 5.51 -22.04 -0.27
N ARG A 141 4.48 -22.87 -0.27
CA ARG A 141 4.53 -24.07 -1.14
C ARG A 141 4.70 -23.69 -2.64
N LYS A 142 4.01 -22.64 -3.09
CA LYS A 142 4.14 -22.24 -4.49
C LYS A 142 5.53 -21.74 -4.79
N ASP A 143 6.14 -20.99 -3.86
CA ASP A 143 7.50 -20.50 -4.08
C ASP A 143 8.50 -21.69 -4.14
N LEU A 144 8.38 -22.62 -3.19
CA LEU A 144 9.25 -23.80 -3.23
C LEU A 144 9.10 -24.58 -4.52
N ALA A 145 7.86 -24.75 -4.98
CA ALA A 145 7.62 -25.50 -6.21
C ALA A 145 8.32 -24.85 -7.41
N THR A 146 8.24 -23.52 -7.47
CA THR A 146 8.88 -22.77 -8.54
C THR A 146 10.37 -23.01 -8.51
N LYS A 147 10.94 -23.07 -7.31
CA LYS A 147 12.36 -23.32 -7.15
C LYS A 147 12.71 -24.79 -7.36
N GLY A 148 11.72 -25.67 -7.46
CA GLY A 148 11.98 -27.09 -7.65
C GLY A 148 12.44 -27.79 -6.36
N ILE A 149 12.16 -27.16 -5.23
CA ILE A 149 12.61 -27.67 -3.92
C ILE A 149 11.49 -28.30 -3.11
N GLU A 150 11.69 -29.51 -2.60
CA GLU A 150 10.67 -30.14 -1.76
C GLU A 150 11.02 -29.86 -0.30
N ALA A 151 10.02 -29.52 0.50
CA ALA A 151 10.24 -29.26 1.92
C ALA A 151 8.94 -29.53 2.64
N THR A 152 8.95 -29.48 3.97
CA THR A 152 7.74 -29.76 4.74
C THR A 152 7.24 -28.42 5.28
N VAL A 153 6.19 -27.89 4.66
CA VAL A 153 5.64 -26.61 5.11
C VAL A 153 4.64 -26.79 6.26
N ILE A 154 4.88 -26.10 7.37
CA ILE A 154 4.06 -26.25 8.56
C ILE A 154 3.24 -24.99 8.76
N ARG A 155 1.93 -25.13 8.65
CA ARG A 155 1.05 -23.99 8.88
C ARG A 155 0.97 -23.63 10.36
N LEU A 156 1.19 -22.36 10.67
CA LEU A 156 0.98 -21.85 12.02
C LEU A 156 0.03 -20.66 11.90
N ASP A 157 -0.64 -20.35 13.00
CA ASP A 157 -1.61 -19.28 13.01
C ASP A 157 -0.98 -17.91 12.90
N GLY A 158 0.25 -17.79 13.41
CA GLY A 158 1.01 -16.56 13.40
C GLY A 158 2.15 -16.67 14.40
N ALA A 159 2.77 -15.54 14.74
CA ALA A 159 3.88 -15.50 15.68
C ALA A 159 4.81 -16.66 15.36
N VAL A 160 5.21 -16.73 14.11
CA VAL A 160 5.96 -17.91 13.66
C VAL A 160 7.41 -17.94 14.08
N GLU A 161 7.98 -16.80 14.45
CA GLU A 161 9.42 -16.80 14.70
C GLU A 161 9.85 -17.78 15.79
N ILE A 162 9.07 -17.87 16.85
CA ILE A 162 9.44 -18.72 17.96
C ILE A 162 9.49 -20.20 17.64
N SER A 163 8.98 -20.59 16.47
CA SER A 163 8.91 -21.99 16.07
C SER A 163 10.28 -22.65 15.90
N VAL A 164 11.31 -21.86 15.57
CA VAL A 164 12.64 -22.43 15.42
C VAL A 164 13.23 -22.73 16.79
N GLN A 165 13.15 -21.75 17.69
CA GLN A 165 13.64 -21.96 19.05
C GLN A 165 12.99 -23.19 19.67
N LEU A 166 11.66 -23.31 19.49
CA LEU A 166 10.91 -24.38 20.14
C LEU A 166 10.92 -25.73 19.41
N GLY A 167 11.71 -25.84 18.34
CA GLY A 167 11.95 -27.12 17.69
C GLY A 167 10.89 -27.60 16.72
N VAL A 168 9.95 -26.75 16.36
CA VAL A 168 8.91 -27.14 15.42
C VAL A 168 9.40 -27.00 14.00
N ALA A 169 10.37 -26.12 13.79
CA ALA A 169 10.79 -25.86 12.44
C ALA A 169 12.27 -25.53 12.36
N ASP A 170 12.82 -25.71 11.18
CA ASP A 170 14.23 -25.41 10.92
C ASP A 170 14.39 -23.99 10.41
N ALA A 171 13.36 -23.51 9.73
CA ALA A 171 13.35 -22.17 9.17
C ALA A 171 11.90 -21.67 9.15
N ILE A 172 11.74 -20.39 8.87
CA ILE A 172 10.39 -19.82 8.76
C ILE A 172 10.30 -19.06 7.47
N ALA A 173 9.08 -18.72 7.10
CA ALA A 173 8.87 -17.77 6.01
C ALA A 173 7.83 -16.77 6.52
N ASP A 174 8.16 -15.48 6.52
CA ASP A 174 7.25 -14.50 7.08
C ASP A 174 7.44 -13.11 6.52
N VAL A 175 6.45 -12.27 6.82
CA VAL A 175 6.49 -10.89 6.43
C VAL A 175 7.67 -10.23 7.15
N VAL A 176 8.45 -9.48 6.40
CA VAL A 176 9.50 -8.70 7.00
C VAL A 176 9.25 -7.20 6.72
N GLY A 177 9.05 -6.47 7.81
CA GLY A 177 8.86 -5.04 7.74
C GLY A 177 10.22 -4.45 8.00
N SER A 178 10.42 -3.94 9.21
CA SER A 178 11.69 -3.32 9.60
C SER A 178 12.81 -4.35 9.73
N GLY A 179 12.43 -5.61 9.96
CA GLY A 179 13.38 -6.67 10.23
C GLY A 179 13.63 -6.89 11.72
N ARG A 180 12.96 -6.09 12.55
CA ARG A 180 13.11 -6.15 14.02
C ARG A 180 12.73 -7.50 14.62
N THR A 181 11.63 -8.07 14.16
CA THR A 181 11.15 -9.33 14.68
C THR A 181 12.18 -10.45 14.48
N LEU A 182 12.80 -10.50 13.31
CA LEU A 182 13.78 -11.54 13.02
C LEU A 182 14.97 -11.42 13.97
N SER A 183 15.49 -10.20 14.08
CA SER A 183 16.64 -9.94 14.92
C SER A 183 16.37 -10.30 16.38
N GLN A 184 15.14 -10.05 16.81
CA GLN A 184 14.71 -10.33 18.19
C GLN A 184 14.71 -11.83 18.51
N HIS A 185 14.60 -12.66 17.48
CA HIS A 185 14.58 -14.10 17.67
C HIS A 185 15.82 -14.72 17.06
N ASP A 186 16.86 -13.92 16.88
CA ASP A 186 18.13 -14.40 16.39
C ASP A 186 17.98 -15.14 15.05
N LEU A 187 17.23 -14.55 14.14
CA LEU A 187 17.05 -15.16 12.83
C LEU A 187 17.60 -14.20 11.78
N VAL A 188 17.98 -14.72 10.63
CA VAL A 188 18.51 -13.87 9.58
C VAL A 188 17.77 -14.26 8.33
N ALA A 189 17.35 -13.27 7.55
CA ALA A 189 16.63 -13.55 6.31
C ALA A 189 17.63 -13.98 5.24
N PHE A 190 17.20 -14.80 4.30
CA PHE A 190 18.07 -15.23 3.22
C PHE A 190 17.22 -15.54 1.99
N GLY A 191 17.85 -15.49 0.83
CA GLY A 191 17.14 -15.74 -0.40
C GLY A 191 16.43 -14.52 -0.96
N GLU A 192 16.03 -14.61 -2.23
CA GLU A 192 15.19 -13.58 -2.80
C GLU A 192 13.85 -13.64 -2.04
N PRO A 193 13.15 -12.52 -1.95
CA PRO A 193 11.82 -12.51 -1.34
C PRO A 193 10.84 -13.42 -2.08
N LEU A 194 9.90 -14.00 -1.33
CA LEU A 194 8.83 -14.79 -1.91
C LEU A 194 7.73 -13.93 -2.48
N CYS A 195 7.65 -12.69 -1.99
CA CYS A 195 6.63 -11.76 -2.44
C CYS A 195 7.03 -10.37 -1.99
N ASP A 196 6.79 -9.38 -2.83
CA ASP A 196 6.92 -8.00 -2.42
C ASP A 196 5.48 -7.49 -2.37
N SER A 197 5.01 -7.34 -1.14
CA SER A 197 3.60 -7.08 -0.92
C SER A 197 3.28 -5.61 -0.68
N GLU A 198 2.03 -5.24 -0.94
CA GLU A 198 1.53 -3.90 -0.66
C GLU A 198 0.03 -4.09 -0.51
N ALA A 199 -0.64 -3.16 0.17
CA ALA A 199 -2.09 -3.24 0.17
C ALA A 199 -2.59 -2.97 -1.24
N VAL A 200 -3.66 -3.69 -1.60
CA VAL A 200 -4.22 -3.60 -2.92
C VAL A 200 -5.74 -3.58 -2.90
N LEU A 201 -6.34 -2.98 -3.92
CA LEU A 201 -7.78 -3.04 -4.14
C LEU A 201 -7.97 -4.21 -5.11
N ILE A 202 -8.70 -5.26 -4.69
CA ILE A 202 -8.94 -6.40 -5.56
C ILE A 202 -10.42 -6.40 -5.98
N GLU A 203 -10.68 -6.95 -7.16
CA GLU A 203 -12.04 -7.00 -7.68
C GLU A 203 -12.35 -8.44 -8.08
N ARG A 204 -13.62 -8.83 -7.91
CA ARG A 204 -14.06 -10.17 -8.28
C ARG A 204 -13.81 -10.32 -9.77
N ALA A 205 -13.37 -11.49 -10.20
CA ALA A 205 -13.05 -11.75 -11.61
C ALA A 205 -14.19 -11.49 -12.60
N GLU A 214 -20.47 -0.62 -14.63
CA GLU A 214 -20.39 0.88 -14.54
C GLU A 214 -20.22 1.29 -13.09
N ALA A 215 -20.91 0.60 -12.17
CA ALA A 215 -20.77 0.87 -10.75
C ALA A 215 -19.37 0.50 -10.31
N ARG A 216 -18.89 -0.64 -10.79
CA ARG A 216 -17.58 -1.08 -10.37
C ARG A 216 -16.53 -0.12 -10.90
N ASP A 217 -16.71 0.34 -12.14
CA ASP A 217 -15.74 1.26 -12.70
C ASP A 217 -15.68 2.57 -11.91
N GLN A 218 -16.83 3.00 -11.41
CA GLN A 218 -16.87 4.23 -10.61
C GLN A 218 -16.05 4.07 -9.36
N LEU A 219 -16.20 2.96 -8.64
CA LEU A 219 -15.44 2.79 -7.43
C LEU A 219 -13.94 2.74 -7.71
N VAL A 220 -13.53 2.04 -8.76
CA VAL A 220 -12.10 1.97 -9.06
C VAL A 220 -11.54 3.36 -9.38
N ALA A 221 -12.28 4.12 -10.17
CA ALA A 221 -11.90 5.50 -10.51
C ALA A 221 -11.77 6.35 -9.25
N ARG A 222 -12.71 6.23 -8.32
CA ARG A 222 -12.67 7.05 -7.10
C ARG A 222 -11.50 6.67 -6.21
N VAL A 223 -11.29 5.37 -5.98
CA VAL A 223 -10.14 4.96 -5.20
C VAL A 223 -8.84 5.37 -5.93
N GLN A 224 -8.81 5.22 -7.25
CA GLN A 224 -7.61 5.62 -8.01
C GLN A 224 -7.31 7.12 -7.83
N GLY A 225 -8.35 7.93 -7.82
CA GLY A 225 -8.17 9.37 -7.60
C GLY A 225 -7.44 9.68 -6.31
N VAL A 226 -7.72 8.90 -5.26
CA VAL A 226 -7.04 9.07 -3.97
C VAL A 226 -5.63 8.55 -4.03
N VAL A 227 -5.44 7.36 -4.60
CA VAL A 227 -4.11 6.76 -4.74
C VAL A 227 -3.21 7.70 -5.51
N PHE A 228 -3.72 8.23 -6.59
CA PHE A 228 -2.89 9.09 -7.41
C PHE A 228 -2.67 10.42 -6.69
N GLY A 229 -3.76 11.04 -6.25
CA GLY A 229 -3.67 12.37 -5.63
C GLY A 229 -2.79 12.42 -4.38
N GLN A 230 -2.75 11.33 -3.61
CA GLN A 230 -1.95 11.33 -2.37
C GLN A 230 -0.44 11.36 -2.63
N GLN A 231 -0.04 11.18 -3.90
CA GLN A 231 1.36 11.25 -4.27
C GLN A 231 1.87 12.69 -4.49
N TYR A 232 0.95 13.67 -4.52
CA TYR A 232 1.27 15.04 -4.83
C TYR A 232 0.87 15.99 -3.76
N LEU A 233 1.52 17.14 -3.76
CA LEU A 233 1.03 18.27 -3.00
C LEU A 233 0.77 19.40 -3.98
N MET A 234 -0.17 20.27 -3.63
CA MET A 234 -0.42 21.43 -4.46
C MET A 234 0.54 22.49 -3.94
N LEU A 235 1.43 23.00 -4.79
CA LEU A 235 2.32 24.06 -4.36
C LEU A 235 1.83 25.43 -4.87
N ASP A 236 1.80 26.42 -3.96
CA ASP A 236 1.45 27.81 -4.35
C ASP A 236 2.64 28.67 -3.95
N TYR A 237 3.06 29.60 -4.79
CA TYR A 237 4.12 30.48 -4.35
C TYR A 237 4.08 31.81 -5.07
N ASP A 238 4.56 32.85 -4.40
CA ASP A 238 4.64 34.17 -4.99
C ASP A 238 5.97 34.21 -5.73
N CYS A 239 5.97 34.74 -6.93
CA CYS A 239 7.20 34.73 -7.73
C CYS A 239 7.37 36.06 -8.44
N PRO A 240 8.57 36.63 -8.42
CA PRO A 240 8.81 37.88 -9.14
C PRO A 240 8.65 37.61 -10.62
N ARG A 241 8.04 38.53 -11.34
CA ARG A 241 7.86 38.35 -12.78
C ARG A 241 9.20 38.07 -13.45
N SER A 242 10.27 38.65 -12.92
CA SER A 242 11.61 38.48 -13.52
C SER A 242 12.12 37.05 -13.41
N ALA A 243 11.44 36.24 -12.59
CA ALA A 243 11.88 34.87 -12.34
C ALA A 243 10.94 33.85 -12.91
N LEU A 244 9.96 34.33 -13.66
CA LEU A 244 8.86 33.46 -14.09
C LEU A 244 9.28 32.34 -15.02
N LYS A 245 10.18 32.61 -15.96
CA LYS A 245 10.64 31.53 -16.85
C LYS A 245 11.33 30.42 -16.06
N LYS A 246 12.18 30.82 -15.14
CA LYS A 246 12.92 29.85 -14.35
C LYS A 246 11.97 29.06 -13.48
N ALA A 247 11.03 29.76 -12.85
CA ALA A 247 10.05 29.08 -11.98
C ALA A 247 9.21 28.07 -12.75
N THR A 248 8.86 28.42 -13.98
CA THR A 248 7.99 27.57 -14.79
C THR A 248 8.69 26.23 -15.10
N ALA A 249 10.00 26.31 -15.27
CA ALA A 249 10.80 25.12 -15.55
C ALA A 249 10.94 24.24 -14.28
N ILE A 250 10.99 24.87 -13.11
CA ILE A 250 11.10 24.14 -11.84
C ILE A 250 9.81 23.46 -11.47
N THR A 251 8.68 24.12 -11.71
CA THR A 251 7.36 23.53 -11.44
C THR A 251 6.46 23.49 -12.66
N PRO A 252 6.68 22.52 -13.54
CA PRO A 252 5.89 22.41 -14.77
C PRO A 252 4.46 21.95 -14.47
N GLY A 253 4.24 21.36 -13.31
CA GLY A 253 2.90 20.89 -12.97
C GLY A 253 2.49 19.68 -13.79
N LEU A 254 1.21 19.28 -13.71
CA LEU A 254 0.79 18.10 -14.47
C LEU A 254 0.47 18.44 -15.91
N GLU A 255 0.03 19.68 -16.15
CA GLU A 255 -0.19 20.13 -17.53
C GLU A 255 0.77 21.28 -17.79
N SER A 256 0.59 22.35 -17.00
CA SER A 256 1.35 23.59 -17.15
C SER A 256 0.99 24.40 -15.92
N PRO A 257 1.92 25.14 -15.33
CA PRO A 257 1.60 25.84 -14.07
C PRO A 257 0.57 26.93 -14.27
N THR A 258 -0.21 27.17 -13.23
CA THR A 258 -1.21 28.22 -13.26
C THR A 258 -0.49 29.51 -12.88
N ILE A 259 -0.74 30.58 -13.61
CA ILE A 259 -0.10 31.84 -13.31
C ILE A 259 -1.15 32.93 -13.16
N ALA A 260 -1.15 33.57 -12.00
CA ALA A 260 -2.13 34.64 -11.71
C ALA A 260 -1.40 35.87 -11.17
N PRO A 261 -1.85 37.05 -11.57
CA PRO A 261 -1.19 38.27 -11.08
C PRO A 261 -1.37 38.50 -9.58
N LEU A 262 -0.40 39.12 -8.91
CA LEU A 262 -0.64 39.67 -7.58
C LEU A 262 -1.09 41.09 -7.77
N ALA A 263 -1.53 41.73 -6.68
CA ALA A 263 -1.89 43.15 -6.75
C ALA A 263 -0.65 43.98 -7.15
N ASP A 264 0.52 43.52 -6.73
CA ASP A 264 1.80 44.17 -7.06
C ASP A 264 2.13 43.70 -8.48
N PRO A 265 2.20 44.63 -9.43
CA PRO A 265 2.41 44.26 -10.83
C PRO A 265 3.73 43.55 -11.10
N ASP A 266 4.69 43.67 -10.19
CA ASP A 266 5.96 43.01 -10.44
C ASP A 266 5.99 41.53 -10.03
N TRP A 267 4.85 41.01 -9.58
CA TRP A 267 4.75 39.64 -9.09
C TRP A 267 3.58 38.84 -9.62
N VAL A 268 3.68 37.51 -9.55
CA VAL A 268 2.60 36.63 -9.87
C VAL A 268 2.56 35.58 -8.75
N ALA A 269 1.48 34.80 -8.73
CA ALA A 269 1.40 33.61 -7.90
C ALA A 269 1.34 32.47 -8.89
N ILE A 270 2.08 31.41 -8.59
CA ILE A 270 2.13 30.24 -9.45
C ILE A 270 1.54 29.06 -8.65
N ARG A 271 0.78 28.16 -9.31
CA ARG A 271 0.24 26.98 -8.61
C ARG A 271 0.65 25.80 -9.46
N ALA A 272 1.16 24.74 -8.82
CA ALA A 272 1.57 23.57 -9.61
C ALA A 272 1.50 22.39 -8.70
N LEU A 273 1.05 21.27 -9.24
CA LEU A 273 1.10 20.03 -8.47
C LEU A 273 2.54 19.52 -8.51
N VAL A 274 3.05 19.10 -7.36
CA VAL A 274 4.43 18.62 -7.31
C VAL A 274 4.46 17.30 -6.52
N PRO A 275 5.31 16.34 -6.92
CA PRO A 275 5.43 15.11 -6.13
C PRO A 275 5.75 15.37 -4.66
N ARG A 276 5.03 14.69 -3.78
CA ARG A 276 5.20 14.89 -2.35
C ARG A 276 6.68 14.63 -1.96
N ARG A 277 7.25 13.63 -2.60
CA ARG A 277 8.63 13.24 -2.34
C ARG A 277 9.73 14.17 -2.85
N ASP A 278 9.39 15.15 -3.67
CA ASP A 278 10.39 16.12 -4.14
C ASP A 278 10.12 17.53 -3.65
N VAL A 279 9.13 17.71 -2.78
CA VAL A 279 8.67 19.06 -2.50
C VAL A 279 9.75 19.93 -1.85
N ASN A 280 10.54 19.34 -0.96
CA ASN A 280 11.55 20.16 -0.32
C ASN A 280 12.65 20.66 -1.24
N GLY A 281 13.09 19.79 -2.15
CA GLY A 281 14.14 20.19 -3.08
C GLY A 281 13.59 21.25 -4.01
N ILE A 282 12.31 21.11 -4.37
CA ILE A 282 11.67 22.09 -5.26
C ILE A 282 11.57 23.45 -4.55
N MET A 283 11.18 23.41 -3.27
CA MET A 283 11.09 24.66 -2.52
C MET A 283 12.43 25.35 -2.43
N ASP A 284 13.48 24.57 -2.23
CA ASP A 284 14.84 25.14 -2.18
C ASP A 284 15.17 25.83 -3.52
N GLU A 285 14.83 25.17 -4.63
CA GLU A 285 15.12 25.74 -5.95
C GLU A 285 14.39 27.05 -6.19
N LEU A 286 13.14 27.11 -5.74
CA LEU A 286 12.30 28.28 -5.92
C LEU A 286 12.81 29.39 -5.03
N ALA A 287 13.17 29.03 -3.80
CA ALA A 287 13.67 30.08 -2.92
C ALA A 287 14.94 30.72 -3.51
N ALA A 288 15.74 29.90 -4.17
CA ALA A 288 17.00 30.38 -4.75
C ALA A 288 16.82 31.37 -5.89
N ILE A 289 15.66 31.35 -6.53
CA ILE A 289 15.41 32.32 -7.60
C ILE A 289 14.52 33.46 -7.12
N GLY A 290 14.25 33.52 -5.83
CA GLY A 290 13.52 34.66 -5.28
C GLY A 290 12.06 34.47 -4.96
N ALA A 291 11.58 33.25 -5.04
CA ALA A 291 10.18 32.96 -4.70
C ALA A 291 9.94 33.19 -3.20
N LYS A 292 8.74 33.65 -2.89
CA LYS A 292 8.36 33.97 -1.52
C LYS A 292 7.03 33.31 -1.18
N ALA A 293 6.81 33.11 0.11
CA ALA A 293 5.55 32.49 0.55
C ALA A 293 5.26 31.19 -0.19
N ILE A 294 6.24 30.30 -0.17
CA ILE A 294 6.14 29.02 -0.89
C ILE A 294 5.44 28.06 0.03
N LEU A 295 4.29 27.54 -0.38
CA LEU A 295 3.54 26.72 0.55
C LEU A 295 2.95 25.53 -0.16
N ALA A 296 2.66 24.50 0.62
CA ALA A 296 2.07 23.31 0.08
C ALA A 296 0.81 23.00 0.84
N SER A 297 -0.15 22.48 0.10
CA SER A 297 -1.41 22.01 0.65
C SER A 297 -1.73 20.60 0.17
N ASP A 298 -2.45 19.85 1.01
CA ASP A 298 -2.88 18.50 0.65
C ASP A 298 -4.00 18.59 -0.40
N ILE A 299 -4.14 17.55 -1.20
CA ILE A 299 -5.31 17.46 -2.04
C ILE A 299 -6.05 16.16 -1.66
N ARG A 300 -7.33 16.09 -1.99
CA ARG A 300 -8.11 14.91 -1.60
C ARG A 300 -7.97 13.81 -2.60
N PHE A 301 -8.12 14.19 -3.85
CA PHE A 301 -7.96 13.22 -4.92
C PHE A 301 -7.72 14.00 -6.22
N CYS A 302 -7.21 13.31 -7.23
CA CYS A 302 -6.89 13.98 -8.50
C CYS A 302 -7.04 12.98 -9.65
N ARG A 303 -7.69 13.43 -10.73
CA ARG A 303 -7.83 12.60 -11.93
C ARG A 303 -6.92 13.25 -13.00
N PHE A 304 -5.93 12.52 -13.49
CA PHE A 304 -5.03 13.09 -14.49
C PHE A 304 -5.84 13.40 -15.74
S SO4 B . 6.05 -10.05 -5.61
O1 SO4 B . 5.01 -10.60 -6.48
O2 SO4 B . 6.41 -8.69 -6.07
O3 SO4 B . 7.23 -10.91 -5.65
O4 SO4 B . 5.50 -9.96 -4.27
S SO4 C . 16.57 -30.26 7.49
O1 SO4 C . 17.19 -29.57 8.63
O2 SO4 C . 17.15 -29.77 6.24
O3 SO4 C . 15.13 -30.07 7.54
O4 SO4 C . 16.86 -31.70 7.61
S SO4 D . -2.03 -27.57 5.77
O1 SO4 D . -0.69 -28.14 5.89
O2 SO4 D . -2.05 -26.53 4.74
O3 SO4 D . -2.39 -26.97 7.04
O4 SO4 D . -2.99 -28.64 5.51
P AMP E . 9.15 -6.32 11.46
O1P AMP E . 9.98 -7.05 10.47
O2P AMP E . 8.07 -7.25 12.05
O3P AMP E . 10.08 -5.86 12.59
O5' AMP E . 8.47 -5.12 10.64
C5' AMP E . 7.89 -4.00 11.26
C4' AMP E . 6.56 -3.62 10.64
O4' AMP E . 6.08 -4.54 9.65
C3' AMP E . 5.48 -3.52 11.70
O3' AMP E . 5.32 -2.18 12.12
C2' AMP E . 4.24 -4.12 11.04
O2' AMP E . 3.12 -3.25 11.05
C1' AMP E . 4.67 -4.49 9.63
N9 AMP E . 4.01 -5.78 9.31
C8 AMP E . 4.26 -6.99 9.90
N7 AMP E . 3.43 -7.91 9.36
C5 AMP E . 2.65 -7.31 8.44
C6 AMP E . 1.64 -7.78 7.60
N6 AMP E . 1.29 -9.06 7.63
N1 AMP E . 1.00 -6.91 6.73
C2 AMP E . 1.36 -5.57 6.73
N3 AMP E . 2.36 -5.12 7.56
C4 AMP E . 3.00 -5.96 8.41
N HIS F . -0.45 35.95 -2.92
CA HIS F . -0.99 35.67 -1.56
C HIS F . -0.02 36.09 -0.46
O HIS F . -0.36 35.86 0.72
CB HIS F . -1.31 34.18 -1.41
CG HIS F . -0.14 33.29 -1.71
ND1 HIS F . 0.05 32.72 -2.95
CD2 HIS F . 0.92 32.93 -0.95
CE1 HIS F . 1.19 32.04 -2.94
NE2 HIS F . 1.73 32.15 -1.75
#